data_1L5O
#
_entry.id   1L5O
#
_cell.length_a   71.850
_cell.length_b   90.040
_cell.length_c   47.500
_cell.angle_alpha   90.00
_cell.angle_beta   90.00
_cell.angle_gamma   90.00
#
_symmetry.space_group_name_H-M   'P 21 21 2'
#
loop_
_entity.id
_entity.type
_entity.pdbx_description
1 polymer 'Nicotinate-nucleotide--dimethylbenzimidazole phosphoribosyltransferase'
2 non-polymer 3,4-DIMETHYLPHENOL
3 non-polymer 'NICOTINATE MONONUCLEOTIDE'
4 water water
#
_entity_poly.entity_id   1
_entity_poly.type   'polypeptide(L)'
_entity_poly.pdbx_seq_one_letter_code
;MQTLHALLRDIPAPDAEAMARTQQHIDGLLKPPGSLGRLETLAVQLAGMPGLNGTPQVGEKAVLVMCADHGVWDEGVAVS
PKIVTAIQAANMTRGTTGVCVLAAQAGAKVHVIDVGIDAEPIPGVVNMRVARGCGNIAVGPAMSRLQAEALLLEVSRYTC
DLAQRGVTLFGVGELGMANTTPAAAMVSVFTGSDAKEVVGIGANLPPSRIDNKVDVVRRAIAINQPNPRDGIDVLSKVGG
FDLVGMTGVMLGAARCGLPVLLDGFLSYSAALAACQIAPAVRPYLIPSHFSAEKGARIALAHLSMEPYLHMAMRLGEGSG
AALAMPIVEAACAMFHNMGELAASNIVLPEGNANAT
;
_entity_poly.pdbx_strand_id   A
#
loop_
_chem_comp.id
_chem_comp.type
_chem_comp.name
_chem_comp.formula
2MP non-polymer 3,4-DIMETHYLPHENOL 'C8 H10 O'
NCN non-polymer 'NICOTINATE MONONUCLEOTIDE' 'C11 H14 N O9 P'
#
# COMPACT_ATOMS: atom_id res chain seq x y z
N LEU A 4 -16.04 10.59 -8.47
CA LEU A 4 -14.87 10.46 -7.55
C LEU A 4 -14.99 11.44 -6.40
N HIS A 5 -15.63 12.58 -6.65
CA HIS A 5 -15.82 13.60 -5.63
C HIS A 5 -16.72 13.05 -4.53
N ALA A 6 -17.70 12.25 -4.92
CA ALA A 6 -18.63 11.63 -4.00
C ALA A 6 -17.89 10.61 -3.14
N LEU A 7 -17.02 9.84 -3.78
CA LEU A 7 -16.22 8.85 -3.09
C LEU A 7 -15.45 9.49 -1.94
N LEU A 8 -14.67 10.51 -2.27
CA LEU A 8 -13.85 11.20 -1.29
C LEU A 8 -14.68 11.82 -0.16
N ARG A 9 -15.80 12.42 -0.53
CA ARG A 9 -16.69 13.06 0.42
C ARG A 9 -17.30 12.07 1.42
N ASP A 10 -17.57 10.85 0.98
CA ASP A 10 -18.21 9.86 1.84
C ASP A 10 -17.30 8.93 2.66
N ILE A 11 -16.01 9.23 2.74
CA ILE A 11 -15.13 8.39 3.54
C ILE A 11 -15.49 8.67 4.99
N PRO A 12 -15.83 7.63 5.75
CA PRO A 12 -16.20 7.85 7.15
C PRO A 12 -15.09 8.19 8.11
N ALA A 13 -15.41 8.96 9.15
CA ALA A 13 -14.44 9.29 10.17
C ALA A 13 -14.43 8.07 11.12
N PRO A 14 -13.32 7.87 11.86
CA PRO A 14 -13.23 6.74 12.78
C PRO A 14 -14.24 6.92 13.92
N ASP A 15 -14.72 5.79 14.45
CA ASP A 15 -15.73 5.77 15.52
C ASP A 15 -15.07 5.90 16.88
N ALA A 16 -15.06 7.12 17.43
CA ALA A 16 -14.44 7.35 18.73
C ALA A 16 -15.12 6.58 19.87
N GLU A 17 -16.42 6.31 19.73
CA GLU A 17 -17.15 5.60 20.76
C GLU A 17 -16.66 4.18 20.89
N ALA A 18 -16.51 3.51 19.74
CA ALA A 18 -16.06 2.13 19.71
C ALA A 18 -14.62 2.04 20.20
N MET A 19 -13.83 3.07 19.89
CA MET A 19 -12.44 3.06 20.30
C MET A 19 -12.30 3.19 21.81
N ALA A 20 -13.16 4.00 22.43
CA ALA A 20 -13.13 4.20 23.87
C ALA A 20 -13.52 2.87 24.55
N ARG A 21 -14.57 2.23 24.04
CA ARG A 21 -14.99 0.97 24.62
C ARG A 21 -13.86 -0.05 24.48
N THR A 22 -13.21 -0.05 23.34
CA THR A 22 -12.10 -1.00 23.12
C THR A 22 -10.96 -0.75 24.09
N GLN A 23 -10.60 0.52 24.26
CA GLN A 23 -9.50 0.85 25.17
C GLN A 23 -9.80 0.39 26.60
N GLN A 24 -11.03 0.64 27.07
CA GLN A 24 -11.40 0.22 28.41
C GLN A 24 -11.30 -1.32 28.57
N HIS A 25 -11.71 -2.05 27.53
CA HIS A 25 -11.66 -3.51 27.58
C HIS A 25 -10.22 -4.04 27.64
N ILE A 26 -9.35 -3.43 26.85
CA ILE A 26 -7.95 -3.82 26.79
C ILE A 26 -7.25 -3.54 28.12
N ASP A 27 -7.59 -2.43 28.75
CA ASP A 27 -6.95 -2.10 30.03
C ASP A 27 -7.28 -3.12 31.12
N GLY A 28 -8.43 -3.78 31.00
CA GLY A 28 -8.84 -4.75 32.01
C GLY A 28 -8.38 -6.18 31.78
N LEU A 29 -7.67 -6.43 30.70
CA LEU A 29 -7.21 -7.79 30.41
C LEU A 29 -6.08 -8.21 31.35
N LEU A 30 -5.85 -9.52 31.42
CA LEU A 30 -4.85 -10.12 32.31
C LEU A 30 -3.39 -9.78 31.99
N LYS A 31 -2.99 -8.55 32.29
CA LYS A 31 -1.63 -8.09 32.03
C LYS A 31 -1.48 -6.68 32.61
N PRO A 32 -0.24 -6.24 32.83
CA PRO A 32 -0.05 -4.89 33.35
C PRO A 32 -0.55 -3.94 32.26
N PRO A 33 -1.25 -2.88 32.64
CA PRO A 33 -1.75 -1.94 31.64
C PRO A 33 -0.67 -1.44 30.68
N GLY A 34 -1.00 -1.43 29.38
CA GLY A 34 -0.10 -0.97 28.34
C GLY A 34 1.03 -1.92 27.97
N SER A 35 1.12 -3.05 28.66
CA SER A 35 2.22 -3.98 28.40
C SER A 35 2.28 -4.66 27.05
N LEU A 36 1.16 -4.73 26.31
CA LEU A 36 1.25 -5.35 24.98
C LEU A 36 1.47 -4.29 23.90
N GLY A 37 1.86 -3.09 24.37
CA GLY A 37 2.23 -1.99 23.49
C GLY A 37 1.49 -1.71 22.21
N ARG A 38 2.19 -1.81 21.07
CA ARG A 38 1.57 -1.50 19.77
C ARG A 38 0.50 -2.49 19.37
N LEU A 39 0.46 -3.66 20.01
CA LEU A 39 -0.59 -4.61 19.73
C LEU A 39 -1.88 -4.00 20.28
N GLU A 40 -1.78 -3.29 21.40
CA GLU A 40 -2.96 -2.65 22.01
C GLU A 40 -3.44 -1.50 21.14
N THR A 41 -2.51 -0.67 20.70
CA THR A 41 -2.83 0.47 19.86
C THR A 41 -3.46 0.02 18.54
N LEU A 42 -2.95 -1.07 17.99
CA LEU A 42 -3.48 -1.61 16.75
C LEU A 42 -4.93 -2.08 16.94
N ALA A 43 -5.22 -2.72 18.07
CA ALA A 43 -6.58 -3.19 18.35
C ALA A 43 -7.57 -2.03 18.43
N VAL A 44 -7.14 -0.95 19.08
CA VAL A 44 -8.00 0.23 19.24
C VAL A 44 -8.22 0.87 17.87
N GLN A 45 -7.15 0.97 17.07
CA GLN A 45 -7.25 1.54 15.73
C GLN A 45 -8.29 0.77 14.91
N LEU A 46 -8.18 -0.56 14.92
CA LEU A 46 -9.14 -1.42 14.20
C LEU A 46 -10.58 -1.20 14.67
N ALA A 47 -10.77 -1.12 15.99
CA ALA A 47 -12.11 -0.95 16.55
C ALA A 47 -12.79 0.31 16.03
N GLY A 48 -12.00 1.33 15.69
CA GLY A 48 -12.58 2.56 15.18
C GLY A 48 -13.01 2.56 13.73
N MET A 49 -12.64 1.51 12.99
CA MET A 49 -12.99 1.43 11.57
C MET A 49 -14.43 0.92 11.42
N PRO A 50 -15.33 1.78 10.91
CA PRO A 50 -16.73 1.41 10.75
C PRO A 50 -17.08 0.09 10.07
N GLY A 51 -16.28 -0.34 9.09
CA GLY A 51 -16.55 -1.61 8.42
C GLY A 51 -16.35 -2.85 9.28
N LEU A 52 -15.70 -2.68 10.42
CA LEU A 52 -15.42 -3.77 11.33
C LEU A 52 -16.49 -3.95 12.41
N ASN A 53 -17.55 -3.17 12.34
CA ASN A 53 -18.62 -3.35 13.32
C ASN A 53 -18.26 -3.20 14.84
N GLY A 54 -17.53 -2.13 15.17
CA GLY A 54 -17.20 -1.80 16.55
C GLY A 54 -16.27 -2.66 17.37
N THR A 55 -15.53 -3.56 16.71
CA THR A 55 -14.64 -4.43 17.43
C THR A 55 -13.49 -4.88 16.53
N PRO A 56 -12.31 -5.13 17.12
CA PRO A 56 -11.21 -5.58 16.24
C PRO A 56 -11.49 -7.02 15.82
N GLN A 57 -11.67 -7.24 14.53
CA GLN A 57 -11.92 -8.57 14.02
C GLN A 57 -11.39 -8.68 12.61
N VAL A 58 -11.10 -9.90 12.18
CA VAL A 58 -10.62 -10.15 10.83
C VAL A 58 -11.43 -11.30 10.25
N GLY A 59 -12.06 -11.05 9.11
CA GLY A 59 -12.82 -12.08 8.42
C GLY A 59 -11.94 -12.60 7.30
N GLU A 60 -12.36 -12.42 6.05
CA GLU A 60 -11.54 -12.87 4.91
C GLU A 60 -10.46 -11.82 4.64
N LYS A 61 -9.33 -12.29 4.09
CA LYS A 61 -8.20 -11.43 3.77
C LYS A 61 -7.83 -11.50 2.30
N ALA A 62 -7.48 -10.35 1.73
CA ALA A 62 -7.10 -10.31 0.33
C ALA A 62 -5.92 -9.39 0.07
N VAL A 63 -5.00 -9.82 -0.78
CA VAL A 63 -3.88 -8.97 -1.18
C VAL A 63 -4.16 -8.62 -2.65
N LEU A 64 -4.21 -7.34 -2.96
CA LEU A 64 -4.45 -6.87 -4.35
C LEU A 64 -3.12 -6.44 -4.92
N VAL A 65 -2.69 -7.11 -5.99
CA VAL A 65 -1.41 -6.84 -6.61
C VAL A 65 -1.60 -6.11 -7.94
N MET A 66 -1.15 -4.86 -8.01
CA MET A 66 -1.35 -4.03 -9.20
C MET A 66 -0.15 -4.16 -10.11
N CYS A 67 -0.38 -4.63 -11.33
CA CYS A 67 0.69 -4.86 -12.29
C CYS A 67 0.69 -3.93 -13.50
N ALA A 68 1.85 -3.38 -13.84
CA ALA A 68 1.92 -2.50 -15.00
C ALA A 68 3.36 -2.24 -15.42
N ASP A 69 3.54 -1.86 -16.68
CA ASP A 69 4.85 -1.54 -17.18
C ASP A 69 5.03 -0.04 -17.29
N HIS A 70 6.27 0.36 -17.37
CA HIS A 70 6.63 1.78 -17.37
C HIS A 70 7.52 2.20 -18.54
N GLY A 71 7.17 3.29 -19.21
CA GLY A 71 7.97 3.75 -20.32
C GLY A 71 9.39 4.13 -19.91
N VAL A 72 9.56 4.57 -18.67
CA VAL A 72 10.87 5.00 -18.19
C VAL A 72 11.89 3.85 -18.12
N TRP A 73 11.42 2.61 -18.28
CA TRP A 73 12.33 1.48 -18.29
C TRP A 73 13.38 1.74 -19.39
N ASP A 74 12.95 2.41 -20.46
CA ASP A 74 13.86 2.68 -21.57
C ASP A 74 15.03 3.61 -21.21
N GLU A 75 14.96 4.31 -20.07
CA GLU A 75 16.03 5.21 -19.65
C GLU A 75 17.19 4.46 -18.96
N GLY A 76 17.11 3.12 -18.94
CA GLY A 76 18.16 2.32 -18.33
C GLY A 76 18.22 2.35 -16.82
N VAL A 77 17.07 2.58 -16.18
CA VAL A 77 16.97 2.67 -14.72
C VAL A 77 16.69 1.35 -14.00
N ALA A 78 16.56 0.27 -14.75
CA ALA A 78 16.27 -1.06 -14.17
C ALA A 78 17.05 -2.14 -14.91
N VAL A 79 17.55 -3.13 -14.18
CA VAL A 79 18.31 -4.21 -14.81
C VAL A 79 17.46 -5.42 -15.16
N SER A 80 16.24 -5.49 -14.63
CA SER A 80 15.37 -6.64 -14.96
C SER A 80 14.79 -6.47 -16.36
N PRO A 81 14.73 -7.57 -17.13
CA PRO A 81 14.17 -7.48 -18.48
C PRO A 81 12.71 -7.02 -18.33
N LYS A 82 12.24 -6.19 -19.25
CA LYS A 82 10.87 -5.68 -19.15
C LYS A 82 9.81 -6.76 -19.09
N ILE A 83 10.03 -7.85 -19.82
CA ILE A 83 9.07 -8.95 -19.89
C ILE A 83 8.83 -9.62 -18.52
N VAL A 84 9.70 -9.38 -17.55
CA VAL A 84 9.49 -9.98 -16.23
C VAL A 84 8.12 -9.61 -15.65
N THR A 85 7.61 -8.41 -15.92
CA THR A 85 6.30 -8.03 -15.38
C THR A 85 5.23 -9.01 -15.84
N ALA A 86 5.21 -9.27 -17.15
CA ALA A 86 4.25 -10.18 -17.75
C ALA A 86 4.43 -11.62 -17.25
N ILE A 87 5.68 -12.07 -17.20
CA ILE A 87 5.97 -13.43 -16.74
C ILE A 87 5.55 -13.66 -15.28
N GLN A 88 5.96 -12.73 -14.42
CA GLN A 88 5.65 -12.80 -13.00
C GLN A 88 4.14 -12.67 -12.76
N ALA A 89 3.44 -11.88 -13.58
CA ALA A 89 2.00 -11.72 -13.40
C ALA A 89 1.33 -13.07 -13.63
N ALA A 90 1.79 -13.81 -14.64
CA ALA A 90 1.23 -15.14 -14.91
C ALA A 90 1.61 -16.10 -13.76
N ASN A 91 2.82 -15.98 -13.23
CA ASN A 91 3.22 -16.84 -12.12
C ASN A 91 2.32 -16.61 -10.91
N MET A 92 1.79 -15.39 -10.79
CA MET A 92 0.91 -15.06 -9.69
C MET A 92 -0.34 -15.95 -9.73
N THR A 93 -0.77 -16.32 -10.93
CA THR A 93 -1.97 -17.16 -11.08
C THR A 93 -1.67 -18.61 -10.79
N ARG A 94 -0.39 -18.95 -10.66
CA ARG A 94 0.05 -20.31 -10.38
C ARG A 94 0.46 -20.54 -8.93
N GLY A 95 0.48 -19.46 -8.15
CA GLY A 95 0.82 -19.53 -6.74
C GLY A 95 2.27 -19.82 -6.39
N THR A 96 3.18 -19.53 -7.32
CA THR A 96 4.61 -19.79 -7.08
C THR A 96 5.42 -18.57 -6.70
N THR A 97 4.79 -17.40 -6.67
CA THR A 97 5.54 -16.19 -6.33
C THR A 97 5.67 -15.96 -4.83
N GLY A 98 6.54 -15.02 -4.47
CA GLY A 98 6.73 -14.68 -3.07
C GLY A 98 5.45 -14.26 -2.36
N VAL A 99 4.66 -13.34 -2.94
CA VAL A 99 3.44 -12.93 -2.24
C VAL A 99 2.45 -14.10 -2.16
N CYS A 100 2.43 -14.95 -3.18
CA CYS A 100 1.51 -16.09 -3.18
C CYS A 100 1.79 -17.03 -2.02
N VAL A 101 3.06 -17.37 -1.85
CA VAL A 101 3.47 -18.26 -0.77
C VAL A 101 3.21 -17.65 0.60
N LEU A 102 3.52 -16.37 0.78
CA LEU A 102 3.28 -15.73 2.06
C LEU A 102 1.78 -15.50 2.33
N ALA A 103 1.00 -15.21 1.29
CA ALA A 103 -0.43 -15.02 1.48
C ALA A 103 -1.06 -16.36 1.87
N ALA A 104 -0.59 -17.44 1.27
CA ALA A 104 -1.13 -18.77 1.59
C ALA A 104 -0.90 -19.09 3.06
N GLN A 105 0.27 -18.68 3.57
CA GLN A 105 0.61 -18.93 4.96
C GLN A 105 -0.32 -18.14 5.88
N ALA A 106 -0.75 -16.95 5.44
CA ALA A 106 -1.63 -16.10 6.22
C ALA A 106 -3.11 -16.37 5.98
N GLY A 107 -3.40 -17.29 5.06
CA GLY A 107 -4.78 -17.60 4.74
C GLY A 107 -5.47 -16.50 3.95
N ALA A 108 -4.70 -15.78 3.15
CA ALA A 108 -5.24 -14.69 2.33
C ALA A 108 -5.27 -15.07 0.86
N LYS A 109 -6.19 -14.49 0.10
CA LYS A 109 -6.29 -14.74 -1.33
C LYS A 109 -5.61 -13.61 -2.05
N VAL A 110 -4.92 -13.93 -3.13
CA VAL A 110 -4.25 -12.93 -3.93
C VAL A 110 -5.08 -12.62 -5.17
N HIS A 111 -5.31 -11.33 -5.42
CA HIS A 111 -6.03 -10.89 -6.61
C HIS A 111 -4.99 -10.18 -7.47
N VAL A 112 -4.74 -10.71 -8.66
CA VAL A 112 -3.76 -10.12 -9.57
C VAL A 112 -4.50 -9.25 -10.56
N ILE A 113 -4.14 -7.97 -10.60
CA ILE A 113 -4.83 -7.04 -11.48
C ILE A 113 -3.86 -6.39 -12.47
N ASP A 114 -4.20 -6.50 -13.75
CA ASP A 114 -3.39 -5.91 -14.80
C ASP A 114 -3.95 -4.50 -15.02
N VAL A 115 -3.18 -3.48 -14.65
CA VAL A 115 -3.66 -2.12 -14.87
C VAL A 115 -2.86 -1.46 -16.00
N GLY A 116 -1.95 -2.24 -16.60
CA GLY A 116 -1.16 -1.68 -17.70
C GLY A 116 0.10 -2.43 -18.12
N ILE A 117 0.05 -3.75 -18.17
CA ILE A 117 1.21 -4.54 -18.59
C ILE A 117 1.42 -4.40 -20.11
N ASP A 118 2.68 -4.28 -20.54
CA ASP A 118 3.01 -4.14 -21.96
C ASP A 118 3.21 -5.52 -22.60
N ALA A 119 2.12 -6.25 -22.78
CA ALA A 119 2.16 -7.57 -23.35
C ALA A 119 0.72 -7.95 -23.64
N GLU A 120 0.50 -9.10 -24.25
CA GLU A 120 -0.86 -9.56 -24.50
C GLU A 120 -1.53 -9.87 -23.17
N PRO A 121 -2.86 -9.76 -23.10
CA PRO A 121 -3.61 -10.04 -21.87
C PRO A 121 -3.29 -11.44 -21.34
N ILE A 122 -3.21 -11.58 -20.03
CA ILE A 122 -2.90 -12.85 -19.40
C ILE A 122 -4.18 -13.48 -18.85
N PRO A 123 -4.51 -14.68 -19.30
CA PRO A 123 -5.72 -15.33 -18.80
C PRO A 123 -5.66 -15.52 -17.28
N GLY A 124 -6.76 -15.28 -16.59
CA GLY A 124 -6.73 -15.47 -15.14
C GLY A 124 -6.40 -14.23 -14.34
N VAL A 125 -5.88 -13.21 -15.01
CA VAL A 125 -5.55 -11.96 -14.34
C VAL A 125 -6.72 -11.00 -14.54
N VAL A 126 -7.09 -10.24 -13.50
CA VAL A 126 -8.20 -9.28 -13.61
C VAL A 126 -7.77 -8.20 -14.59
N ASN A 127 -8.61 -7.95 -15.60
CA ASN A 127 -8.24 -6.98 -16.59
C ASN A 127 -8.82 -5.57 -16.38
N MET A 128 -7.94 -4.64 -16.06
CA MET A 128 -8.31 -3.23 -15.91
C MET A 128 -7.22 -2.41 -16.59
N ARG A 129 -6.64 -2.94 -17.66
CA ARG A 129 -5.55 -2.22 -18.30
C ARG A 129 -5.88 -0.90 -18.92
N VAL A 130 -5.08 0.11 -18.57
CA VAL A 130 -5.31 1.43 -19.14
C VAL A 130 -4.65 1.51 -20.51
N ALA A 131 -3.43 0.99 -20.63
CA ALA A 131 -2.69 0.97 -21.88
C ALA A 131 -1.53 0.01 -21.72
N ARG A 132 -0.79 -0.23 -22.80
CA ARG A 132 0.37 -1.13 -22.75
C ARG A 132 1.57 -0.34 -22.22
N GLY A 133 1.66 -0.22 -20.90
CA GLY A 133 2.73 0.54 -20.28
C GLY A 133 2.34 2.03 -20.25
N CYS A 134 2.83 2.78 -19.28
CA CYS A 134 2.52 4.21 -19.22
C CYS A 134 3.61 5.00 -19.94
N GLY A 135 3.38 6.30 -20.12
CA GLY A 135 4.37 7.12 -20.79
C GLY A 135 5.65 7.21 -19.98
N ASN A 136 6.75 7.43 -20.70
CA ASN A 136 8.08 7.58 -20.12
C ASN A 136 8.10 8.92 -19.40
N ILE A 137 8.14 8.89 -18.07
CA ILE A 137 8.09 10.14 -17.30
C ILE A 137 9.27 11.08 -17.50
N ALA A 138 10.37 10.58 -18.07
CA ALA A 138 11.53 11.43 -18.31
C ALA A 138 11.29 12.46 -19.43
N VAL A 139 10.28 12.24 -20.27
CA VAL A 139 10.04 13.17 -21.37
C VAL A 139 8.64 13.77 -21.41
N GLY A 140 7.79 13.33 -20.48
CA GLY A 140 6.44 13.84 -20.43
C GLY A 140 5.67 13.14 -19.35
N PRO A 141 4.34 13.27 -19.34
CA PRO A 141 3.55 12.61 -18.31
C PRO A 141 3.35 11.12 -18.51
N ALA A 142 3.11 10.43 -17.39
CA ALA A 142 2.85 8.99 -17.41
C ALA A 142 1.48 8.72 -18.04
N MET A 143 0.52 9.61 -17.78
CA MET A 143 -0.84 9.44 -18.30
C MET A 143 -1.59 10.77 -18.17
N SER A 144 -2.81 10.83 -18.70
CA SER A 144 -3.63 12.03 -18.59
C SER A 144 -4.34 12.02 -17.23
N ARG A 145 -4.77 13.19 -16.78
CA ARG A 145 -5.47 13.27 -15.50
C ARG A 145 -6.74 12.42 -15.55
N LEU A 146 -7.43 12.44 -16.70
CA LEU A 146 -8.65 11.67 -16.88
C LEU A 146 -8.37 10.17 -16.63
N GLN A 147 -7.27 9.67 -17.19
CA GLN A 147 -6.92 8.25 -17.03
C GLN A 147 -6.68 7.91 -15.56
N ALA A 148 -5.95 8.76 -14.86
CA ALA A 148 -5.69 8.51 -13.45
C ALA A 148 -6.98 8.48 -12.66
N GLU A 149 -7.85 9.46 -12.89
CA GLU A 149 -9.12 9.51 -12.16
C GLU A 149 -10.00 8.32 -12.44
N ALA A 150 -10.06 7.92 -13.70
CA ALA A 150 -10.89 6.78 -14.07
C ALA A 150 -10.39 5.50 -13.41
N LEU A 151 -9.06 5.31 -13.39
CA LEU A 151 -8.52 4.12 -12.77
C LEU A 151 -8.75 4.12 -11.25
N LEU A 152 -8.61 5.28 -10.60
CA LEU A 152 -8.85 5.38 -9.16
C LEU A 152 -10.27 4.92 -8.84
N LEU A 153 -11.24 5.43 -9.59
CA LEU A 153 -12.65 5.07 -9.35
C LEU A 153 -12.90 3.59 -9.60
N GLU A 154 -12.33 3.06 -10.67
CA GLU A 154 -12.53 1.65 -10.98
C GLU A 154 -11.96 0.74 -9.90
N VAL A 155 -10.74 1.01 -9.47
CA VAL A 155 -10.13 0.18 -8.45
C VAL A 155 -10.83 0.35 -7.11
N SER A 156 -11.23 1.58 -6.78
CA SER A 156 -11.93 1.84 -5.52
C SER A 156 -13.21 1.01 -5.44
N ARG A 157 -13.95 0.97 -6.54
CA ARG A 157 -15.20 0.21 -6.58
C ARG A 157 -14.94 -1.30 -6.44
N TYR A 158 -13.92 -1.79 -7.14
CA TYR A 158 -13.57 -3.21 -7.07
C TYR A 158 -13.24 -3.61 -5.63
N THR A 159 -12.48 -2.75 -4.98
CA THR A 159 -12.06 -2.98 -3.59
C THR A 159 -13.23 -3.05 -2.61
N CYS A 160 -14.09 -2.04 -2.61
CA CYS A 160 -15.20 -2.03 -1.67
C CYS A 160 -16.18 -3.16 -2.04
N ASP A 161 -16.23 -3.55 -3.32
CA ASP A 161 -17.10 -4.66 -3.73
C ASP A 161 -16.63 -5.97 -3.06
N LEU A 162 -15.32 -6.13 -2.84
CA LEU A 162 -14.83 -7.35 -2.18
C LEU A 162 -15.31 -7.36 -0.73
N ALA A 163 -15.46 -6.17 -0.17
CA ALA A 163 -15.94 -6.03 1.19
C ALA A 163 -17.32 -6.67 1.31
N GLN A 164 -18.13 -6.52 0.27
CA GLN A 164 -19.45 -7.10 0.30
C GLN A 164 -19.40 -8.63 0.22
N ARG A 165 -18.24 -9.19 -0.12
CA ARG A 165 -18.06 -10.64 -0.21
C ARG A 165 -17.38 -11.22 1.03
N GLY A 166 -17.24 -10.43 2.09
CA GLY A 166 -16.64 -10.94 3.30
C GLY A 166 -15.23 -10.50 3.64
N VAL A 167 -14.57 -9.80 2.73
CA VAL A 167 -13.19 -9.34 3.00
C VAL A 167 -13.22 -8.18 4.00
N THR A 168 -12.39 -8.27 5.05
CA THR A 168 -12.34 -7.23 6.06
C THR A 168 -10.94 -6.66 6.22
N LEU A 169 -9.97 -7.27 5.55
CA LEU A 169 -8.57 -6.83 5.65
C LEU A 169 -7.90 -6.88 4.28
N PHE A 170 -7.39 -5.75 3.84
CA PHE A 170 -6.73 -5.72 2.54
C PHE A 170 -5.24 -5.53 2.72
N GLY A 171 -4.49 -6.02 1.75
CA GLY A 171 -3.05 -5.83 1.71
C GLY A 171 -2.85 -5.27 0.30
N VAL A 172 -1.93 -4.34 0.11
CA VAL A 172 -1.71 -3.78 -1.21
C VAL A 172 -0.32 -4.15 -1.74
N GLY A 173 -0.23 -4.43 -3.04
CA GLY A 173 1.05 -4.76 -3.63
C GLY A 173 1.11 -4.35 -5.09
N GLU A 174 2.28 -4.49 -5.68
CA GLU A 174 2.49 -4.14 -7.08
C GLU A 174 3.55 -5.03 -7.71
N LEU A 175 3.66 -4.91 -9.03
CA LEU A 175 4.63 -5.64 -9.82
C LEU A 175 4.82 -4.80 -11.07
N GLY A 176 6.06 -4.39 -11.33
CA GLY A 176 6.31 -3.57 -12.50
C GLY A 176 7.77 -3.15 -12.58
N MET A 177 8.46 -3.62 -13.62
CA MET A 177 9.87 -3.28 -13.76
C MET A 177 10.02 -1.78 -13.93
N ALA A 178 11.03 -1.24 -13.27
CA ALA A 178 11.37 0.18 -13.26
C ALA A 178 10.48 1.02 -12.36
N ASN A 179 9.54 0.39 -11.63
CA ASN A 179 8.65 1.26 -10.84
C ASN A 179 9.23 1.99 -9.60
N THR A 180 10.46 1.69 -9.17
CA THR A 180 11.00 2.45 -8.03
C THR A 180 11.46 3.84 -8.52
N THR A 181 11.50 4.05 -9.83
CA THR A 181 11.86 5.37 -10.36
C THR A 181 10.68 6.35 -10.17
N PRO A 182 9.47 6.02 -10.70
CA PRO A 182 8.37 6.97 -10.46
C PRO A 182 8.09 7.09 -8.95
N ALA A 183 8.25 5.98 -8.21
CA ALA A 183 8.00 6.00 -6.76
C ALA A 183 8.91 7.04 -6.12
N ALA A 184 10.18 7.05 -6.53
CA ALA A 184 11.14 8.01 -5.97
C ALA A 184 10.78 9.44 -6.34
N ALA A 185 10.36 9.63 -7.60
CA ALA A 185 9.95 10.95 -8.07
C ALA A 185 8.82 11.45 -7.18
N MET A 186 7.80 10.61 -6.99
CA MET A 186 6.68 11.00 -6.15
C MET A 186 7.11 11.31 -4.73
N VAL A 187 7.95 10.47 -4.15
CA VAL A 187 8.40 10.71 -2.79
C VAL A 187 9.13 12.06 -2.71
N SER A 188 9.97 12.35 -3.71
CA SER A 188 10.70 13.62 -3.73
C SER A 188 9.74 14.81 -3.76
N VAL A 189 8.75 14.76 -4.66
CA VAL A 189 7.76 15.83 -4.78
C VAL A 189 6.93 16.03 -3.51
N PHE A 190 6.41 14.95 -2.95
CA PHE A 190 5.58 15.08 -1.76
C PHE A 190 6.31 15.47 -0.48
N THR A 191 7.56 15.05 -0.34
CA THR A 191 8.30 15.34 0.88
C THR A 191 9.23 16.52 0.75
N GLY A 192 9.49 16.95 -0.48
CA GLY A 192 10.39 18.07 -0.70
C GLY A 192 11.84 17.66 -0.49
N SER A 193 12.13 16.36 -0.62
CA SER A 193 13.50 15.89 -0.46
C SER A 193 14.15 15.81 -1.84
N ASP A 194 15.46 16.02 -1.88
CA ASP A 194 16.18 15.94 -3.14
C ASP A 194 16.19 14.50 -3.63
N ALA A 195 16.15 14.32 -4.95
CA ALA A 195 16.16 12.99 -5.54
C ALA A 195 17.27 12.09 -5.03
N LYS A 196 18.46 12.66 -4.79
CA LYS A 196 19.57 11.84 -4.31
C LYS A 196 19.28 11.17 -2.96
N GLU A 197 18.46 11.80 -2.13
CA GLU A 197 18.14 11.22 -0.82
C GLU A 197 17.09 10.12 -0.85
N VAL A 198 16.31 10.05 -1.93
CA VAL A 198 15.25 9.05 -2.01
C VAL A 198 15.36 8.01 -3.12
N VAL A 199 16.39 8.10 -3.96
CA VAL A 199 16.56 7.12 -5.02
C VAL A 199 17.41 5.94 -4.53
N GLY A 200 16.84 4.73 -4.62
CA GLY A 200 17.55 3.53 -4.19
C GLY A 200 17.97 2.60 -5.31
N ILE A 201 18.42 1.40 -4.95
CA ILE A 201 18.87 0.46 -5.95
C ILE A 201 17.76 -0.42 -6.54
N GLY A 202 16.52 -0.22 -6.11
CA GLY A 202 15.42 -1.01 -6.64
C GLY A 202 15.73 -2.49 -6.65
N ALA A 203 15.51 -3.17 -7.78
CA ALA A 203 15.80 -4.60 -7.86
C ALA A 203 17.24 -4.81 -8.32
N ASN A 204 18.17 -4.59 -7.40
CA ASN A 204 19.60 -4.78 -7.66
C ASN A 204 20.27 -3.96 -8.76
N LEU A 205 19.92 -2.68 -8.85
CA LEU A 205 20.56 -1.83 -9.83
C LEU A 205 22.01 -1.67 -9.34
N PRO A 206 22.99 -1.81 -10.24
CA PRO A 206 24.41 -1.68 -9.90
C PRO A 206 24.71 -0.27 -9.38
N PRO A 207 25.54 -0.17 -8.36
CA PRO A 207 25.88 1.12 -7.77
C PRO A 207 26.30 2.15 -8.83
N SER A 208 26.99 1.70 -9.88
CA SER A 208 27.44 2.62 -10.91
C SER A 208 26.34 3.25 -11.77
N ARG A 209 25.13 2.69 -11.74
CA ARG A 209 24.02 3.21 -12.53
C ARG A 209 23.08 4.10 -11.73
N ILE A 210 23.36 4.28 -10.44
CA ILE A 210 22.52 5.11 -9.58
C ILE A 210 22.48 6.57 -10.05
N ASP A 211 23.62 7.10 -10.46
CA ASP A 211 23.70 8.49 -10.92
C ASP A 211 22.69 8.78 -12.02
N ASN A 212 22.62 7.87 -12.99
CA ASN A 212 21.68 8.03 -14.10
C ASN A 212 20.24 8.01 -13.57
N LYS A 213 19.94 7.07 -12.67
CA LYS A 213 18.58 6.99 -12.11
C LYS A 213 18.22 8.31 -11.42
N VAL A 214 19.15 8.92 -10.70
CA VAL A 214 18.89 10.18 -10.01
C VAL A 214 18.62 11.28 -11.05
N ASP A 215 19.43 11.29 -12.12
CA ASP A 215 19.26 12.27 -13.21
C ASP A 215 17.87 12.15 -13.83
N VAL A 216 17.41 10.92 -14.05
CA VAL A 216 16.10 10.67 -14.64
C VAL A 216 14.98 11.17 -13.77
N VAL A 217 15.09 10.95 -12.45
CA VAL A 217 14.06 11.43 -11.55
C VAL A 217 13.99 12.95 -11.60
N ARG A 218 15.14 13.62 -11.56
CA ARG A 218 15.15 15.07 -11.62
C ARG A 218 14.56 15.59 -12.93
N ARG A 219 14.87 14.95 -14.05
CA ARG A 219 14.33 15.38 -15.32
C ARG A 219 12.81 15.24 -15.34
N ALA A 220 12.32 14.14 -14.78
CA ALA A 220 10.88 13.88 -14.74
C ALA A 220 10.14 15.00 -14.03
N ILE A 221 10.69 15.43 -12.90
CA ILE A 221 10.08 16.49 -12.12
C ILE A 221 10.19 17.85 -12.83
N ALA A 222 11.36 18.14 -13.39
CA ALA A 222 11.57 19.41 -14.09
C ALA A 222 10.64 19.54 -15.29
N ILE A 223 10.57 18.48 -16.10
CA ILE A 223 9.73 18.51 -17.29
C ILE A 223 8.23 18.54 -17.03
N ASN A 224 7.78 17.75 -16.05
CA ASN A 224 6.37 17.70 -15.74
C ASN A 224 5.81 18.73 -14.77
N GLN A 225 6.67 19.27 -13.92
CA GLN A 225 6.23 20.26 -12.93
C GLN A 225 4.98 19.84 -12.18
N PRO A 226 5.03 18.67 -11.52
CA PRO A 226 3.84 18.22 -10.78
C PRO A 226 3.57 19.10 -9.56
N ASN A 227 2.29 19.37 -9.31
CA ASN A 227 1.89 20.19 -8.16
C ASN A 227 1.76 19.30 -6.91
N PRO A 228 2.67 19.45 -5.94
CA PRO A 228 2.70 18.69 -4.69
C PRO A 228 1.39 18.72 -3.88
N ARG A 229 0.61 19.78 -4.08
CA ARG A 229 -0.64 19.93 -3.36
C ARG A 229 -1.79 19.21 -4.02
N ASP A 230 -1.55 18.63 -5.20
CA ASP A 230 -2.59 17.91 -5.94
C ASP A 230 -2.10 16.47 -6.17
N GLY A 231 -2.51 15.56 -5.31
CA GLY A 231 -2.09 14.17 -5.44
C GLY A 231 -2.37 13.53 -6.77
N ILE A 232 -3.51 13.87 -7.38
CA ILE A 232 -3.83 13.29 -8.67
C ILE A 232 -2.87 13.84 -9.73
N ASP A 233 -2.53 15.13 -9.63
CA ASP A 233 -1.59 15.71 -10.59
C ASP A 233 -0.24 14.99 -10.53
N VAL A 234 0.24 14.70 -9.33
CA VAL A 234 1.52 14.04 -9.16
C VAL A 234 1.47 12.61 -9.70
N LEU A 235 0.41 11.89 -9.37
CA LEU A 235 0.28 10.51 -9.86
C LEU A 235 0.25 10.46 -11.38
N SER A 236 -0.53 11.34 -12.00
CA SER A 236 -0.63 11.30 -13.46
C SER A 236 0.64 11.75 -14.17
N LYS A 237 1.37 12.67 -13.57
CA LYS A 237 2.58 13.16 -14.21
C LYS A 237 3.83 12.31 -14.01
N VAL A 238 4.16 11.99 -12.76
CA VAL A 238 5.38 11.22 -12.52
C VAL A 238 5.17 9.88 -11.83
N GLY A 239 3.93 9.38 -11.89
CA GLY A 239 3.62 8.09 -11.28
C GLY A 239 3.58 6.98 -12.32
N GLY A 240 2.64 6.06 -12.14
CA GLY A 240 2.49 4.92 -13.05
C GLY A 240 1.13 4.28 -12.80
N PHE A 241 0.66 3.40 -13.67
CA PHE A 241 -0.64 2.75 -13.49
C PHE A 241 -0.69 1.90 -12.22
N ASP A 242 0.42 1.21 -11.93
CA ASP A 242 0.46 0.38 -10.73
C ASP A 242 0.35 1.26 -9.49
N LEU A 243 1.05 2.40 -9.48
CA LEU A 243 0.98 3.30 -8.33
C LEU A 243 -0.42 3.88 -8.15
N VAL A 244 -1.07 4.25 -9.26
CA VAL A 244 -2.43 4.78 -9.20
C VAL A 244 -3.35 3.69 -8.65
N GLY A 245 -3.15 2.46 -9.13
CA GLY A 245 -3.96 1.36 -8.67
C GLY A 245 -3.88 1.15 -7.15
N MET A 246 -2.66 1.21 -6.60
CA MET A 246 -2.49 1.06 -5.16
C MET A 246 -3.19 2.17 -4.40
N THR A 247 -3.13 3.39 -4.95
CA THR A 247 -3.81 4.51 -4.32
C THR A 247 -5.30 4.22 -4.30
N GLY A 248 -5.80 3.64 -5.39
CA GLY A 248 -7.21 3.28 -5.50
C GLY A 248 -7.69 2.28 -4.45
N VAL A 249 -6.84 1.30 -4.14
CA VAL A 249 -7.20 0.31 -3.14
C VAL A 249 -7.34 1.03 -1.80
N MET A 250 -6.42 1.95 -1.52
CA MET A 250 -6.47 2.67 -0.26
C MET A 250 -7.71 3.55 -0.15
N LEU A 251 -8.08 4.24 -1.23
CA LEU A 251 -9.27 5.09 -1.18
C LEU A 251 -10.53 4.24 -1.05
N GLY A 252 -10.54 3.10 -1.74
CA GLY A 252 -11.67 2.20 -1.69
C GLY A 252 -11.87 1.56 -0.34
N ALA A 253 -10.79 1.10 0.28
CA ALA A 253 -10.92 0.48 1.60
C ALA A 253 -11.38 1.54 2.61
N ALA A 254 -10.84 2.75 2.52
CA ALA A 254 -11.23 3.80 3.44
C ALA A 254 -12.73 4.14 3.29
N ARG A 255 -13.21 4.24 2.05
CA ARG A 255 -14.61 4.53 1.78
C ARG A 255 -15.47 3.43 2.42
N CYS A 256 -14.95 2.21 2.34
CA CYS A 256 -15.58 1.01 2.87
C CYS A 256 -15.42 0.88 4.38
N GLY A 257 -14.64 1.79 4.98
CA GLY A 257 -14.38 1.77 6.42
C GLY A 257 -13.56 0.58 6.89
N LEU A 258 -12.67 0.10 6.04
CA LEU A 258 -11.87 -1.10 6.33
C LEU A 258 -10.37 -0.85 6.28
N PRO A 259 -9.60 -1.67 7.02
CA PRO A 259 -8.14 -1.52 7.07
C PRO A 259 -7.38 -2.03 5.85
N VAL A 260 -6.28 -1.36 5.56
CA VAL A 260 -5.40 -1.70 4.46
C VAL A 260 -3.96 -1.76 4.96
N LEU A 261 -3.30 -2.88 4.72
CA LEU A 261 -1.91 -3.01 5.12
C LEU A 261 -1.01 -2.55 3.98
N LEU A 262 -0.08 -1.66 4.28
CA LEU A 262 0.86 -1.21 3.28
C LEU A 262 1.93 -2.29 3.11
N ASP A 263 2.75 -2.15 2.08
CA ASP A 263 3.84 -3.09 1.82
C ASP A 263 5.16 -2.34 1.94
N GLY A 264 5.87 -2.21 0.83
CA GLY A 264 7.15 -1.51 0.85
C GLY A 264 7.17 -0.10 0.27
N PHE A 265 8.33 0.26 -0.29
CA PHE A 265 8.56 1.61 -0.84
C PHE A 265 7.52 2.10 -1.84
N LEU A 266 7.15 1.24 -2.78
CA LEU A 266 6.16 1.62 -3.78
C LEU A 266 4.85 1.96 -3.09
N SER A 267 4.45 1.15 -2.12
CA SER A 267 3.20 1.41 -1.40
C SER A 267 3.28 2.70 -0.59
N TYR A 268 4.47 3.06 -0.09
CA TYR A 268 4.59 4.32 0.67
C TYR A 268 4.31 5.49 -0.26
N SER A 269 4.83 5.43 -1.47
CA SER A 269 4.63 6.53 -2.41
C SER A 269 3.15 6.68 -2.72
N ALA A 270 2.44 5.56 -2.87
CA ALA A 270 1.00 5.59 -3.14
C ALA A 270 0.24 6.11 -1.93
N ALA A 271 0.69 5.76 -0.75
CA ALA A 271 0.03 6.22 0.48
C ALA A 271 0.19 7.74 0.63
N LEU A 272 1.36 8.27 0.26
CA LEU A 272 1.56 9.72 0.34
C LEU A 272 0.54 10.41 -0.57
N ALA A 273 0.35 9.87 -1.77
CA ALA A 273 -0.61 10.42 -2.73
C ALA A 273 -2.03 10.32 -2.17
N ALA A 274 -2.38 9.14 -1.68
CA ALA A 274 -3.73 8.94 -1.14
C ALA A 274 -4.05 9.92 0.00
N CYS A 275 -3.10 10.14 0.89
CA CYS A 275 -3.32 11.04 2.01
C CYS A 275 -3.40 12.50 1.58
N GLN A 276 -2.74 12.83 0.48
CA GLN A 276 -2.78 14.20 -0.05
C GLN A 276 -4.16 14.45 -0.66
N ILE A 277 -4.67 13.46 -1.36
CA ILE A 277 -5.98 13.51 -2.02
C ILE A 277 -7.09 13.53 -0.99
N ALA A 278 -6.96 12.72 0.05
CA ALA A 278 -7.98 12.63 1.09
C ALA A 278 -7.35 12.29 2.42
N PRO A 279 -7.13 13.30 3.28
CA PRO A 279 -6.52 13.08 4.60
C PRO A 279 -7.29 12.06 5.43
N ALA A 280 -8.60 11.94 5.17
CA ALA A 280 -9.46 11.02 5.90
C ALA A 280 -9.05 9.56 5.69
N VAL A 281 -8.22 9.28 4.69
CA VAL A 281 -7.79 7.91 4.43
C VAL A 281 -6.79 7.40 5.48
N ARG A 282 -6.01 8.32 6.04
CA ARG A 282 -4.95 7.95 6.99
C ARG A 282 -5.26 6.98 8.14
N PRO A 283 -6.38 7.17 8.88
CA PRO A 283 -6.69 6.25 9.98
C PRO A 283 -6.89 4.78 9.59
N TYR A 284 -7.04 4.52 8.29
CA TYR A 284 -7.29 3.16 7.81
C TYR A 284 -6.02 2.44 7.38
N LEU A 285 -4.90 3.16 7.30
CA LEU A 285 -3.65 2.55 6.84
C LEU A 285 -2.87 1.96 7.99
N ILE A 286 -2.32 0.76 7.75
CA ILE A 286 -1.55 0.05 8.75
C ILE A 286 -0.22 -0.33 8.11
N PRO A 287 0.90 0.04 8.73
CA PRO A 287 2.18 -0.32 8.10
C PRO A 287 2.53 -1.79 8.31
N SER A 288 3.38 -2.35 7.46
CA SER A 288 3.78 -3.75 7.66
C SER A 288 5.26 -3.76 7.99
N HIS A 289 6.09 -3.63 6.97
CA HIS A 289 7.53 -3.68 7.17
C HIS A 289 8.25 -2.41 6.76
N PHE A 290 9.54 -2.37 7.08
CA PHE A 290 10.41 -1.23 6.78
C PHE A 290 11.28 -1.63 5.59
N SER A 291 10.86 -1.20 4.39
CA SER A 291 11.60 -1.51 3.16
C SER A 291 13.08 -1.13 3.19
N ALA A 292 13.92 -1.95 2.57
CA ALA A 292 15.36 -1.70 2.51
C ALA A 292 15.71 -0.61 1.48
N GLU A 293 14.72 -0.12 0.77
CA GLU A 293 14.95 0.91 -0.23
C GLU A 293 15.46 2.17 0.48
N LYS A 294 16.45 2.84 -0.12
CA LYS A 294 17.03 4.04 0.48
C LYS A 294 16.05 5.13 0.96
N GLY A 295 15.04 5.44 0.16
CA GLY A 295 14.08 6.47 0.54
C GLY A 295 12.97 6.10 1.50
N ALA A 296 12.99 4.88 2.04
CA ALA A 296 11.93 4.44 2.95
C ALA A 296 11.79 5.29 4.20
N ARG A 297 12.92 5.59 4.86
CA ARG A 297 12.88 6.37 6.10
C ARG A 297 12.17 7.71 5.92
N ILE A 298 12.49 8.44 4.85
CA ILE A 298 11.89 9.74 4.58
C ILE A 298 10.39 9.59 4.30
N ALA A 299 10.04 8.63 3.44
CA ALA A 299 8.63 8.43 3.12
C ALA A 299 7.80 8.11 4.36
N LEU A 300 8.31 7.21 5.20
CA LEU A 300 7.60 6.79 6.41
C LEU A 300 7.49 7.93 7.42
N ALA A 301 8.52 8.79 7.46
CA ALA A 301 8.50 9.92 8.39
C ALA A 301 7.38 10.88 8.03
N HIS A 302 7.18 11.10 6.73
CA HIS A 302 6.13 12.00 6.29
C HIS A 302 4.74 11.43 6.48
N LEU A 303 4.64 10.10 6.60
CA LEU A 303 3.35 9.45 6.84
C LEU A 303 3.17 9.26 8.35
N SER A 304 4.19 9.63 9.12
CA SER A 304 4.21 9.44 10.59
C SER A 304 3.91 7.99 10.90
N MET A 305 4.62 7.09 10.23
CA MET A 305 4.40 5.66 10.42
C MET A 305 5.65 4.92 10.85
N GLU A 306 5.47 3.95 11.75
CA GLU A 306 6.59 3.13 12.22
C GLU A 306 6.20 1.67 11.95
N PRO A 307 6.83 1.04 10.94
CA PRO A 307 6.50 -0.36 10.63
C PRO A 307 6.76 -1.30 11.80
N TYR A 308 6.08 -2.43 11.80
CA TYR A 308 6.23 -3.44 12.85
C TYR A 308 7.38 -4.37 12.58
N LEU A 309 7.61 -4.65 11.30
CA LEU A 309 8.63 -5.61 10.87
C LEU A 309 9.88 -5.03 10.25
N HIS A 310 11.04 -5.44 10.76
CA HIS A 310 12.33 -4.99 10.21
C HIS A 310 12.98 -6.21 9.60
N MET A 311 12.65 -6.48 8.34
CA MET A 311 13.15 -7.67 7.64
C MET A 311 14.11 -7.40 6.48
N ALA A 312 14.51 -6.14 6.30
CA ALA A 312 15.36 -5.74 5.17
C ALA A 312 14.79 -6.27 3.84
N MET A 313 13.46 -6.34 3.76
CA MET A 313 12.81 -6.81 2.56
C MET A 313 12.67 -5.72 1.50
N ARG A 314 12.79 -6.14 0.24
CA ARG A 314 12.70 -5.25 -0.91
C ARG A 314 12.18 -5.99 -2.15
N LEU A 315 11.29 -6.96 -1.96
CA LEU A 315 10.73 -7.71 -3.07
C LEU A 315 9.55 -7.02 -3.76
N GLY A 316 8.66 -6.47 -2.95
CA GLY A 316 7.45 -5.86 -3.49
C GLY A 316 6.40 -6.98 -3.55
N GLU A 317 5.48 -6.88 -4.50
CA GLU A 317 4.38 -7.86 -4.71
C GLU A 317 3.31 -7.91 -3.63
N GLY A 318 3.50 -7.14 -2.56
CA GLY A 318 2.59 -7.20 -1.44
C GLY A 318 3.07 -8.26 -0.44
N SER A 319 4.29 -8.74 -0.63
CA SER A 319 4.87 -9.75 0.27
C SER A 319 4.94 -9.33 1.75
N GLY A 320 5.31 -8.08 2.02
CA GLY A 320 5.38 -7.61 3.39
C GLY A 320 4.02 -7.47 4.02
N ALA A 321 3.05 -7.03 3.22
CA ALA A 321 1.69 -6.89 3.74
C ALA A 321 1.18 -8.27 4.16
N ALA A 322 1.46 -9.29 3.36
CA ALA A 322 1.00 -10.63 3.70
C ALA A 322 1.69 -11.13 4.96
N LEU A 323 2.97 -10.80 5.13
CA LEU A 323 3.72 -11.24 6.29
C LEU A 323 3.19 -10.61 7.59
N ALA A 324 2.58 -9.42 7.47
CA ALA A 324 2.05 -8.76 8.65
C ALA A 324 0.60 -9.14 8.98
N MET A 325 -0.08 -9.85 8.11
CA MET A 325 -1.45 -10.20 8.43
C MET A 325 -1.61 -10.94 9.78
N PRO A 326 -0.68 -11.86 10.11
CA PRO A 326 -0.80 -12.57 11.40
C PRO A 326 -0.75 -11.63 12.60
N ILE A 327 -0.05 -10.50 12.44
CA ILE A 327 0.05 -9.53 13.52
C ILE A 327 -1.32 -8.88 13.76
N VAL A 328 -2.03 -8.56 12.68
CA VAL A 328 -3.37 -8.00 12.82
C VAL A 328 -4.28 -9.03 13.48
N GLU A 329 -4.16 -10.30 13.08
CA GLU A 329 -4.98 -11.32 13.71
C GLU A 329 -4.61 -11.51 15.19
N ALA A 330 -3.33 -11.30 15.52
CA ALA A 330 -2.91 -11.43 16.91
C ALA A 330 -3.56 -10.36 17.77
N ALA A 331 -3.66 -9.14 17.26
CA ALA A 331 -4.26 -8.08 18.04
C ALA A 331 -5.73 -8.43 18.32
N CYS A 332 -6.39 -9.04 17.34
CA CYS A 332 -7.79 -9.41 17.53
C CYS A 332 -7.91 -10.54 18.53
N ALA A 333 -6.99 -11.51 18.47
CA ALA A 333 -7.01 -12.63 19.39
C ALA A 333 -6.80 -12.16 20.83
N MET A 334 -5.88 -11.23 21.02
CA MET A 334 -5.61 -10.69 22.35
C MET A 334 -6.91 -10.09 22.91
N PHE A 335 -7.53 -9.25 22.10
CA PHE A 335 -8.73 -8.55 22.50
C PHE A 335 -9.87 -9.46 22.91
N HIS A 336 -10.13 -10.48 22.10
CA HIS A 336 -11.26 -11.36 22.35
C HIS A 336 -11.04 -12.57 23.22
N ASN A 337 -9.82 -13.08 23.24
CA ASN A 337 -9.53 -14.31 23.96
C ASN A 337 -8.86 -14.22 25.33
N MET A 338 -8.20 -13.12 25.64
CA MET A 338 -7.55 -13.02 26.94
C MET A 338 -8.52 -12.89 28.11
N GLY A 339 -8.11 -13.40 29.26
CA GLY A 339 -8.91 -13.30 30.46
C GLY A 339 -8.80 -11.88 31.03
N GLU A 340 -9.56 -11.61 32.09
CA GLU A 340 -9.56 -10.29 32.73
C GLU A 340 -9.03 -10.30 34.15
N LEU A 341 -8.38 -9.20 34.51
CA LEU A 341 -7.78 -9.02 35.82
C LEU A 341 -8.80 -9.21 36.95
N ALA A 342 -9.93 -8.54 36.82
CA ALA A 342 -10.97 -8.63 37.83
C ALA A 342 -11.39 -10.05 38.16
N ALA A 343 -11.49 -10.88 37.13
CA ALA A 343 -11.89 -12.28 37.27
C ALA A 343 -10.88 -13.11 38.07
N SER A 344 -9.65 -12.63 38.13
CA SER A 344 -8.61 -13.34 38.89
C SER A 344 -8.32 -12.60 40.20
N ASN A 345 -9.16 -11.63 40.51
CA ASN A 345 -9.02 -10.86 41.74
C ASN A 345 -7.65 -10.21 41.85
N ILE A 346 -7.11 -9.76 40.73
CA ILE A 346 -5.82 -9.09 40.73
C ILE A 346 -6.04 -7.59 40.67
N VAL A 347 -5.52 -6.88 41.66
CA VAL A 347 -5.65 -5.44 41.70
C VAL A 347 -4.27 -4.81 41.61
N LEU A 348 -4.10 -3.90 40.66
CA LEU A 348 -2.82 -3.23 40.48
C LEU A 348 -2.98 -1.73 40.75
N PRO A 349 -1.90 -1.05 41.18
CA PRO A 349 -1.92 0.38 41.47
C PRO A 349 -2.48 1.18 40.30
O1 2MP B . 8.58 -9.25 -7.84
C1 2MP B . 9.70 -9.54 -8.72
C2 2MP B . 10.50 -8.43 -9.22
C3 2MP B . 11.59 -8.69 -10.06
C4 2MP B . 11.93 -10.00 -10.45
C5 2MP B . 11.12 -11.12 -9.96
C6 2MP B . 10.00 -10.85 -9.07
C7 2MP B . 13.13 -10.22 -11.39
C8 2MP B . 11.46 -12.56 -10.34
P NCN C . 13.21 -1.65 -10.28
O1P NCN C . 12.76 -0.21 -10.24
O2P NCN C . 14.71 -1.74 -10.10
O3P NCN C . 12.80 -2.33 -11.68
O5' NCN C . 12.54 -2.44 -9.07
C5' NCN C . 11.09 -2.47 -8.96
C4' NCN C . 10.62 -3.85 -8.97
O4' NCN C . 11.25 -4.59 -7.84
C3' NCN C . 9.12 -3.98 -8.78
O3' NCN C . 8.50 -5.10 -9.48
C2' NCN C . 9.00 -4.06 -7.22
O2' NCN C . 7.90 -4.91 -6.84
C1' NCN C . 10.40 -4.53 -6.73
N1 NCN C . 11.01 -3.73 -5.61
C6 NCN C . 12.34 -3.22 -5.66
C5 NCN C . 12.73 -2.50 -4.51
C4 NCN C . 11.93 -2.27 -3.34
C3 NCN C . 10.58 -2.85 -3.44
C2 NCN C . 10.15 -3.57 -4.55
C7 NCN C . 9.84 -2.52 -2.14
O7 NCN C . 10.25 -1.88 -1.20
O8 NCN C . 8.61 -3.04 -2.21
#